data_5E1B
#
_entry.id   5E1B
#
_cell.length_a   107.259
_cell.length_b   107.259
_cell.length_c   205.416
_cell.angle_alpha   90.000
_cell.angle_beta   90.000
_cell.angle_gamma   120.000
#
_symmetry.space_group_name_H-M   'P 65 2 2'
#
loop_
_entity.id
_entity.type
_entity.pdbx_description
1 polymer 'N-terminal Xaa-Pro-Lys N-methyltransferase 1'
2 polymer RCC1
3 non-polymer S-ADENOSYL-L-HOMOCYSTEINE
4 non-polymer GLYCEROL
5 non-polymer 'UNKNOWN ATOM OR ION'
6 water water
#
loop_
_entity_poly.entity_id
_entity_poly.type
_entity_poly.pdbx_seq_one_letter_code
_entity_poly.pdbx_strand_id
1 'polypeptide(L)'
;MGSSHHHHHHSSGLVPRGSTSEVIEDEKQFYSKAKTYWKQIPPTVDGMLGGYGHISSIDINSSRKFLQRFLREGPNKTGT
SCALDCGAGIGRITKRLLLPLFREVDMVDITEDFLVQAKTYLGEEGKRVRNYFCCGLQDFTPEPDSYDVIWIQWVIGHLT
DQHLAEFLRRCKGSLRPNGIIVIKDNMAQEGVILDDVDSSVCRDLDVVRRIICSAGLSLLAEERQENLPDEIYHVYSFAL
R
;
A,B
2 'polypeptide(L)' SPKRIA D,E
#
# COMPACT_ATOMS: atom_id res chain seq x y z
N VAL A 15 -13.45 1.48 -36.73
N VAL A 15 -11.15 2.61 -37.04
CA VAL A 15 -12.07 1.85 -36.30
CA VAL A 15 -12.19 1.78 -36.32
C VAL A 15 -11.66 1.03 -35.07
N PRO A 16 -12.29 1.30 -33.86
CA PRO A 16 -11.88 0.51 -32.69
C PRO A 16 -12.32 -0.93 -32.78
N ARG A 17 -11.51 -1.80 -32.21
CA ARG A 17 -11.90 -3.21 -32.13
C ARG A 17 -12.92 -3.39 -31.03
N GLY A 18 -13.90 -4.28 -31.21
CA GLY A 18 -14.89 -4.55 -30.19
C GLY A 18 -14.92 -5.92 -29.65
N SER A 19 -14.06 -6.80 -30.16
CA SER A 19 -13.99 -8.10 -29.59
C SER A 19 -12.61 -8.72 -29.63
N THR A 20 -12.38 -9.65 -28.74
CA THR A 20 -11.08 -10.34 -28.74
C THR A 20 -10.79 -11.08 -30.00
N SER A 21 -11.84 -11.49 -30.73
CA SER A 21 -11.61 -12.16 -32.00
C SER A 21 -10.99 -11.29 -33.05
N GLU A 22 -10.96 -9.97 -32.85
CA GLU A 22 -10.26 -9.06 -33.74
C GLU A 22 -8.81 -8.85 -33.34
N VAL A 23 -8.43 -9.24 -32.14
CA VAL A 23 -7.07 -8.95 -31.67
C VAL A 23 -6.21 -10.16 -31.32
N ILE A 24 -6.82 -11.35 -31.16
CA ILE A 24 -6.04 -12.52 -30.79
C ILE A 24 -5.76 -13.38 -31.98
N GLU A 25 -4.49 -13.51 -32.36
CA GLU A 25 -4.17 -14.28 -33.56
C GLU A 25 -4.41 -15.79 -33.37
N ASP A 26 -4.08 -16.29 -32.17
CA ASP A 26 -4.05 -17.74 -31.93
C ASP A 26 -4.40 -17.95 -30.50
N GLU A 27 -5.57 -18.52 -30.26
CA GLU A 27 -6.07 -18.58 -28.89
C GLU A 27 -5.15 -19.44 -28.02
N LYS A 28 -4.67 -20.53 -28.58
CA LYS A 28 -3.81 -21.41 -27.72
C LYS A 28 -2.58 -20.67 -27.29
N GLN A 29 -2.00 -19.89 -28.16
CA GLN A 29 -0.78 -19.11 -27.83
C GLN A 29 -1.10 -17.96 -26.87
N PHE A 30 -2.30 -17.38 -27.01
CA PHE A 30 -2.75 -16.31 -26.09
C PHE A 30 -2.69 -16.84 -24.66
N TYR A 31 -3.22 -18.05 -24.44
CA TYR A 31 -3.21 -18.61 -23.10
C TYR A 31 -1.80 -19.10 -22.73
N SER A 32 -1.14 -19.77 -23.63
CA SER A 32 0.20 -20.33 -23.27
C SER A 32 1.24 -19.25 -22.99
N LYS A 33 1.21 -18.15 -23.72
CA LYS A 33 2.14 -17.09 -23.44
C LYS A 33 1.86 -16.44 -22.07
N ALA A 34 0.58 -16.27 -21.72
CA ALA A 34 0.22 -15.69 -20.41
C ALA A 34 0.74 -16.59 -19.32
N LYS A 35 0.58 -17.90 -19.49
CA LYS A 35 1.04 -18.85 -18.41
C LYS A 35 2.54 -18.72 -18.21
N THR A 36 3.27 -18.70 -19.32
CA THR A 36 4.74 -18.52 -19.26
C THR A 36 5.08 -17.19 -18.59
N TYR A 37 4.39 -16.11 -18.96
CA TYR A 37 4.66 -14.77 -18.36
C TYR A 37 4.53 -14.84 -16.85
N TRP A 38 3.45 -15.40 -16.35
CA TRP A 38 3.24 -15.36 -14.88
C TRP A 38 4.15 -16.32 -14.18
N LYS A 39 4.59 -17.38 -14.83
CA LYS A 39 5.57 -18.31 -14.23
CA LYS A 39 5.58 -18.30 -14.22
C LYS A 39 6.90 -17.62 -13.92
N GLN A 40 7.22 -16.50 -14.58
CA GLN A 40 8.48 -15.78 -14.37
C GLN A 40 8.34 -14.45 -13.61
N ILE A 41 7.16 -14.24 -13.00
CA ILE A 41 6.90 -13.09 -12.14
C ILE A 41 7.19 -13.49 -10.68
N PRO A 42 7.88 -12.61 -9.93
CA PRO A 42 8.09 -12.97 -8.53
C PRO A 42 6.81 -13.05 -7.74
N PRO A 43 6.77 -13.97 -6.77
CA PRO A 43 5.55 -14.22 -6.01
C PRO A 43 5.42 -13.23 -4.86
N THR A 44 5.26 -11.98 -5.23
CA THR A 44 5.25 -10.88 -4.32
C THR A 44 4.13 -9.94 -4.65
N VAL A 45 3.78 -9.04 -3.72
CA VAL A 45 2.75 -8.03 -4.06
C VAL A 45 3.15 -7.15 -5.26
N ASP A 46 4.41 -6.73 -5.29
CA ASP A 46 4.85 -5.96 -6.45
C ASP A 46 4.75 -6.78 -7.75
N GLY A 47 4.97 -8.09 -7.68
CA GLY A 47 4.74 -8.94 -8.82
C GLY A 47 3.30 -9.01 -9.26
N MET A 48 2.42 -9.18 -8.30
CA MET A 48 0.98 -9.21 -8.61
C MET A 48 0.57 -7.90 -9.26
N LEU A 49 1.16 -6.79 -8.77
CA LEU A 49 0.71 -5.48 -9.21
C LEU A 49 1.63 -4.86 -10.24
N GLY A 50 2.46 -5.64 -10.90
CA GLY A 50 3.17 -5.11 -12.07
C GLY A 50 4.08 -3.92 -11.83
N GLY A 51 4.72 -3.90 -10.67
CA GLY A 51 5.53 -2.79 -10.26
C GLY A 51 4.82 -1.69 -9.50
N TYR A 52 3.53 -1.85 -9.32
CA TYR A 52 2.71 -0.91 -8.58
C TYR A 52 2.32 -1.48 -7.23
N GLY A 53 3.17 -2.29 -6.60
CA GLY A 53 2.81 -2.82 -5.30
C GLY A 53 2.41 -1.74 -4.28
N HIS A 54 3.06 -0.62 -4.39
CA HIS A 54 2.74 0.52 -3.52
C HIS A 54 1.28 1.00 -3.51
N ILE A 55 0.51 0.76 -4.56
CA ILE A 55 -0.91 1.15 -4.57
C ILE A 55 -1.83 0.17 -3.86
N SER A 56 -1.30 -0.91 -3.25
CA SER A 56 -2.16 -1.97 -2.78
C SER A 56 -3.16 -1.48 -1.73
N SER A 57 -2.70 -0.58 -0.82
CA SER A 57 -3.55 -0.15 0.29
C SER A 57 -4.71 0.72 -0.22
N ILE A 58 -4.41 1.62 -1.17
CA ILE A 58 -5.44 2.41 -1.81
C ILE A 58 -6.51 1.49 -2.43
N ASP A 59 -6.06 0.45 -3.15
CA ASP A 59 -6.94 -0.49 -3.79
C ASP A 59 -7.80 -1.20 -2.76
N ILE A 60 -7.16 -1.76 -1.74
CA ILE A 60 -7.90 -2.57 -0.77
C ILE A 60 -8.93 -1.72 -0.03
N ASN A 61 -8.56 -0.51 0.39
CA ASN A 61 -9.49 0.39 1.11
C ASN A 61 -10.72 0.65 0.25
N SER A 62 -10.50 0.90 -1.02
CA SER A 62 -11.64 1.17 -1.92
C SER A 62 -12.50 -0.06 -2.14
N SER A 63 -11.89 -1.18 -2.31
CA SER A 63 -12.61 -2.44 -2.49
C SER A 63 -13.44 -2.72 -1.26
N ARG A 64 -12.85 -2.48 -0.08
CA ARG A 64 -13.61 -2.73 1.13
C ARG A 64 -14.89 -1.87 1.23
N LYS A 65 -14.75 -0.60 0.95
CA LYS A 65 -15.90 0.28 1.03
C LYS A 65 -16.95 -0.17 -0.02
N PHE A 66 -16.46 -0.52 -1.20
CA PHE A 66 -17.37 -0.96 -2.27
C PHE A 66 -18.16 -2.19 -1.82
N LEU A 67 -17.48 -3.17 -1.27
CA LEU A 67 -18.11 -4.41 -0.81
C LEU A 67 -19.03 -4.21 0.34
N GLN A 68 -18.68 -3.31 1.25
CA GLN A 68 -19.52 -3.13 2.44
C GLN A 68 -20.93 -2.62 2.15
N ARG A 69 -21.11 -1.96 1.04
CA ARG A 69 -22.40 -1.52 0.50
CA ARG A 69 -22.45 -1.53 0.65
C ARG A 69 -23.40 -2.76 0.57
N PHE A 70 -22.89 -3.90 0.16
CA PHE A 70 -23.71 -5.11 0.00
C PHE A 70 -23.88 -5.96 1.21
N LEU A 71 -23.12 -5.62 2.27
CA LEU A 71 -23.21 -6.31 3.54
C LEU A 71 -24.14 -5.75 4.56
N ARG A 72 -24.87 -4.64 4.28
CA ARG A 72 -25.83 -4.03 5.16
C ARG A 72 -26.99 -4.99 5.45
N GLU A 73 -27.57 -4.91 6.64
CA GLU A 73 -28.75 -5.73 6.95
C GLU A 73 -29.88 -5.32 6.01
N GLY A 74 -30.71 -6.28 5.69
CA GLY A 74 -31.89 -6.02 4.84
C GLY A 74 -32.13 -7.24 3.98
N PRO A 75 -33.14 -7.17 3.12
CA PRO A 75 -33.59 -8.36 2.37
C PRO A 75 -32.62 -8.89 1.45
N ASN A 76 -31.71 -8.07 0.95
CA ASN A 76 -30.75 -8.52 0.00
C ASN A 76 -29.34 -8.68 0.49
N LYS A 77 -29.20 -8.66 1.82
CA LYS A 77 -27.84 -8.71 2.40
C LYS A 77 -27.05 -9.90 1.88
N THR A 78 -25.86 -9.61 1.40
CA THR A 78 -24.91 -10.65 0.94
C THR A 78 -24.34 -11.30 2.21
N GLY A 79 -24.24 -12.62 2.15
CA GLY A 79 -23.70 -13.36 3.30
C GLY A 79 -22.20 -13.25 3.42
N THR A 80 -21.73 -13.88 4.52
CA THR A 80 -20.34 -13.77 4.89
C THR A 80 -19.72 -15.14 5.20
N SER A 81 -20.29 -16.19 4.62
CA SER A 81 -19.80 -17.55 4.87
CA SER A 81 -19.82 -17.55 4.88
C SER A 81 -18.60 -17.92 4.00
N CYS A 82 -18.61 -17.55 2.74
CA CYS A 82 -17.57 -18.03 1.81
C CYS A 82 -17.42 -17.09 0.61
N ALA A 83 -16.17 -16.77 0.31
CA ALA A 83 -15.86 -16.03 -0.90
C ALA A 83 -14.93 -16.86 -1.77
N LEU A 84 -14.89 -16.52 -3.05
CA LEU A 84 -13.98 -17.12 -4.03
C LEU A 84 -13.13 -15.99 -4.62
N ASP A 85 -11.81 -16.10 -4.49
CA ASP A 85 -10.86 -15.13 -5.10
C ASP A 85 -10.33 -15.69 -6.38
N CYS A 86 -10.67 -15.04 -7.50
CA CYS A 86 -10.34 -15.56 -8.83
C CYS A 86 -9.14 -14.84 -9.41
N GLY A 87 -8.20 -15.60 -9.97
CA GLY A 87 -6.88 -15.05 -10.26
C GLY A 87 -6.21 -14.49 -9.04
N ALA A 88 -6.32 -15.24 -7.97
CA ALA A 88 -5.91 -14.75 -6.65
C ALA A 88 -4.45 -14.50 -6.48
N GLY A 89 -3.61 -15.10 -7.31
CA GLY A 89 -2.18 -15.01 -7.12
C GLY A 89 -1.75 -15.48 -5.76
N ILE A 90 -0.87 -14.71 -5.10
CA ILE A 90 -0.41 -15.09 -3.76
C ILE A 90 -1.40 -14.80 -2.66
N GLY A 91 -2.50 -14.18 -2.98
CA GLY A 91 -3.56 -13.91 -2.02
C GLY A 91 -3.54 -12.52 -1.41
N ARG A 92 -3.06 -11.53 -2.14
CA ARG A 92 -3.10 -10.14 -1.68
C ARG A 92 -4.52 -9.71 -1.23
N ILE A 93 -5.52 -10.06 -2.05
CA ILE A 93 -6.89 -9.62 -1.78
C ILE A 93 -7.46 -10.55 -0.70
N THR A 94 -7.17 -11.85 -0.82
CA THR A 94 -7.61 -12.82 0.19
C THR A 94 -7.12 -12.39 1.57
N LYS A 95 -5.87 -11.94 1.68
CA LYS A 95 -5.34 -11.60 2.99
C LYS A 95 -6.01 -10.37 3.60
N ARG A 96 -6.07 -9.32 2.81
CA ARG A 96 -6.36 -8.01 3.38
C ARG A 96 -7.85 -7.64 3.28
N LEU A 97 -8.56 -8.16 2.30
CA LEU A 97 -9.96 -7.85 2.10
C LEU A 97 -10.87 -8.97 2.55
N LEU A 98 -10.62 -10.17 2.02
CA LEU A 98 -11.64 -11.25 2.14
C LEU A 98 -11.60 -12.06 3.43
N LEU A 99 -10.43 -12.52 3.84
CA LEU A 99 -10.36 -13.31 5.09
C LEU A 99 -10.92 -12.59 6.27
N PRO A 100 -10.72 -11.25 6.37
CA PRO A 100 -11.32 -10.59 7.51
C PRO A 100 -12.84 -10.57 7.56
N LEU A 101 -13.48 -10.73 6.42
CA LEU A 101 -14.91 -10.56 6.28
C LEU A 101 -15.67 -11.86 6.08
N PHE A 102 -14.99 -12.91 5.59
CA PHE A 102 -15.66 -14.18 5.23
C PHE A 102 -15.09 -15.33 6.04
N ARG A 103 -15.96 -16.21 6.51
CA ARG A 103 -15.53 -17.30 7.38
CA ARG A 103 -15.50 -17.28 7.38
C ARG A 103 -14.48 -18.16 6.70
N GLU A 104 -14.72 -18.44 5.43
CA GLU A 104 -13.77 -19.21 4.61
C GLU A 104 -13.59 -18.53 3.27
N VAL A 105 -12.50 -18.81 2.62
CA VAL A 105 -12.22 -18.31 1.27
C VAL A 105 -11.61 -19.42 0.44
N ASP A 106 -12.05 -19.51 -0.80
CA ASP A 106 -11.35 -20.37 -1.78
C ASP A 106 -10.55 -19.50 -2.72
N MET A 107 -9.43 -20.00 -3.22
CA MET A 107 -8.59 -19.29 -4.19
C MET A 107 -8.49 -20.12 -5.45
N VAL A 108 -8.48 -19.43 -6.61
CA VAL A 108 -8.20 -20.09 -7.87
C VAL A 108 -7.21 -19.28 -8.66
N ASP A 109 -6.18 -19.93 -9.19
CA ASP A 109 -5.16 -19.26 -9.97
C ASP A 109 -4.48 -20.27 -10.84
N ILE A 110 -4.00 -19.82 -12.00
CA ILE A 110 -3.29 -20.70 -12.90
C ILE A 110 -1.86 -21.03 -12.49
N THR A 111 -1.24 -20.21 -11.62
CA THR A 111 0.18 -20.30 -11.37
C THR A 111 0.45 -20.99 -10.04
N GLU A 112 0.85 -22.23 -10.11
CA GLU A 112 1.04 -23.06 -8.92
C GLU A 112 1.99 -22.39 -7.94
N ASP A 113 3.07 -21.80 -8.42
CA ASP A 113 4.04 -21.15 -7.51
C ASP A 113 3.42 -20.07 -6.63
N PHE A 114 2.39 -19.39 -7.14
CA PHE A 114 1.73 -18.33 -6.36
C PHE A 114 0.89 -18.95 -5.24
N LEU A 115 0.18 -20.03 -5.56
CA LEU A 115 -0.63 -20.71 -4.55
C LEU A 115 0.27 -21.32 -3.46
N VAL A 116 1.44 -21.83 -3.82
CA VAL A 116 2.39 -22.32 -2.81
C VAL A 116 2.84 -21.13 -1.94
N GLN A 117 3.21 -20.02 -2.59
CA GLN A 117 3.66 -18.88 -1.79
C GLN A 117 2.54 -18.39 -0.87
N ALA A 118 1.29 -18.45 -1.33
CA ALA A 118 0.13 -18.01 -0.53
C ALA A 118 0.10 -18.64 0.85
N LYS A 119 0.54 -19.88 0.94
CA LYS A 119 0.46 -20.55 2.23
C LYS A 119 1.36 -19.82 3.24
N THR A 120 2.47 -19.27 2.77
CA THR A 120 3.37 -18.48 3.59
C THR A 120 2.79 -17.05 3.78
N TYR A 121 2.46 -16.41 2.67
CA TYR A 121 2.01 -15.02 2.66
C TYR A 121 0.83 -14.82 3.59
N LEU A 122 -0.11 -15.79 3.57
CA LEU A 122 -1.35 -15.62 4.31
C LEU A 122 -1.19 -15.84 5.82
N GLY A 123 -0.12 -16.51 6.25
CA GLY A 123 0.10 -16.73 7.69
C GLY A 123 -1.02 -17.52 8.35
N GLU A 124 -1.22 -17.26 9.64
CA GLU A 124 -2.17 -18.00 10.42
C GLU A 124 -3.61 -17.90 9.92
N GLU A 125 -4.01 -16.71 9.48
CA GLU A 125 -5.36 -16.54 8.98
C GLU A 125 -5.58 -17.40 7.72
N GLY A 126 -4.52 -17.67 6.96
CA GLY A 126 -4.60 -18.56 5.83
C GLY A 126 -5.10 -19.99 6.11
N LYS A 127 -5.14 -20.37 7.38
CA LYS A 127 -5.71 -21.64 7.74
CA LYS A 127 -5.75 -21.63 7.82
C LYS A 127 -7.22 -21.65 7.40
N ARG A 128 -7.83 -20.48 7.18
CA ARG A 128 -9.27 -20.44 6.77
C ARG A 128 -9.46 -20.43 5.24
N VAL A 129 -8.37 -20.45 4.50
CA VAL A 129 -8.48 -20.76 3.04
C VAL A 129 -8.78 -22.25 2.92
N ARG A 130 -9.86 -22.59 2.25
CA ARG A 130 -10.36 -23.93 2.20
C ARG A 130 -9.69 -24.56 0.95
N ASN A 131 -10.19 -24.26 -0.23
CA ASN A 131 -9.65 -24.84 -1.47
C ASN A 131 -8.66 -23.87 -2.13
N TYR A 132 -7.53 -24.46 -2.52
CA TYR A 132 -6.58 -23.80 -3.42
C TYR A 132 -6.67 -24.52 -4.76
N PHE A 133 -7.34 -23.93 -5.71
CA PHE A 133 -7.54 -24.53 -7.02
C PHE A 133 -6.50 -23.99 -7.98
N CYS A 134 -5.74 -24.89 -8.56
CA CYS A 134 -4.72 -24.49 -9.53
C CYS A 134 -5.28 -24.86 -10.92
N CYS A 135 -5.81 -23.88 -11.63
CA CYS A 135 -6.68 -24.13 -12.82
C CYS A 135 -6.72 -22.73 -13.52
N GLY A 136 -6.78 -22.72 -14.84
CA GLY A 136 -7.23 -21.52 -15.51
C GLY A 136 -8.69 -21.27 -15.32
N LEU A 137 -9.13 -20.02 -15.27
CA LEU A 137 -10.56 -19.71 -15.08
C LEU A 137 -11.38 -20.33 -16.18
N GLN A 138 -10.78 -20.35 -17.38
CA GLN A 138 -11.45 -20.94 -18.54
C GLN A 138 -11.77 -22.40 -18.41
N ASP A 139 -11.09 -23.09 -17.49
CA ASP A 139 -11.29 -24.48 -17.19
C ASP A 139 -11.94 -24.75 -15.82
N PHE A 140 -12.38 -23.73 -15.14
CA PHE A 140 -12.85 -23.87 -13.74
C PHE A 140 -14.36 -23.74 -13.64
N THR A 141 -14.98 -24.73 -13.00
CA THR A 141 -16.44 -24.70 -12.74
C THR A 141 -16.69 -24.70 -11.22
N PRO A 142 -16.93 -23.50 -10.69
CA PRO A 142 -17.13 -23.43 -9.21
C PRO A 142 -18.39 -24.19 -8.83
N GLU A 143 -18.34 -24.74 -7.61
CA GLU A 143 -19.45 -25.54 -7.08
C GLU A 143 -20.74 -24.72 -7.03
N PRO A 144 -21.86 -25.26 -7.50
CA PRO A 144 -23.12 -24.56 -7.36
C PRO A 144 -23.42 -24.15 -5.94
N ASP A 145 -24.10 -22.97 -5.75
CA ASP A 145 -24.65 -22.56 -4.46
C ASP A 145 -23.60 -22.59 -3.36
N SER A 146 -22.44 -22.05 -3.65
CA SER A 146 -21.28 -22.11 -2.73
C SER A 146 -20.74 -20.78 -2.23
N TYR A 147 -20.85 -19.70 -2.98
CA TYR A 147 -20.13 -18.47 -2.64
C TYR A 147 -21.09 -17.29 -2.45
N ASP A 148 -20.83 -16.54 -1.39
CA ASP A 148 -21.50 -15.27 -1.17
C ASP A 148 -20.93 -14.17 -2.06
N VAL A 149 -19.61 -14.16 -2.22
CA VAL A 149 -18.93 -13.20 -3.06
C VAL A 149 -17.93 -13.94 -3.92
N ILE A 150 -17.93 -13.63 -5.22
CA ILE A 150 -16.93 -14.11 -6.16
C ILE A 150 -16.18 -12.88 -6.65
N TRP A 151 -14.90 -12.78 -6.30
CA TRP A 151 -14.11 -11.58 -6.52
C TRP A 151 -13.14 -11.85 -7.67
N ILE A 152 -13.24 -11.07 -8.71
CA ILE A 152 -12.45 -11.28 -9.93
C ILE A 152 -11.69 -10.01 -10.25
N GLN A 153 -10.39 -9.98 -9.92
CA GLN A 153 -9.62 -8.71 -9.97
C GLN A 153 -8.33 -8.92 -10.77
N TRP A 154 -8.15 -8.02 -11.74
CA TRP A 154 -6.90 -7.97 -12.53
C TRP A 154 -6.61 -9.32 -13.20
N VAL A 155 -7.65 -9.92 -13.77
CA VAL A 155 -7.53 -11.16 -14.52
C VAL A 155 -8.47 -11.32 -15.68
N ILE A 156 -9.54 -10.50 -15.80
CA ILE A 156 -10.45 -10.76 -16.91
C ILE A 156 -9.82 -10.55 -18.27
N GLY A 157 -8.77 -9.76 -18.34
CA GLY A 157 -8.07 -9.55 -19.60
C GLY A 157 -7.33 -10.77 -20.11
N HIS A 158 -7.21 -11.78 -19.25
CA HIS A 158 -6.60 -13.02 -19.68
C HIS A 158 -7.53 -14.02 -20.28
N LEU A 159 -8.84 -13.72 -20.37
CA LEU A 159 -9.79 -14.62 -20.98
CA LEU A 159 -9.79 -14.64 -21.00
C LEU A 159 -10.27 -14.00 -22.29
N THR A 160 -10.56 -14.86 -23.25
CA THR A 160 -11.25 -14.44 -24.49
C THR A 160 -12.66 -14.02 -24.13
N ASP A 161 -13.31 -13.28 -25.01
CA ASP A 161 -14.72 -12.89 -24.71
C ASP A 161 -15.64 -14.09 -24.53
N GLN A 162 -15.46 -15.12 -25.32
CA GLN A 162 -16.33 -16.30 -25.15
C GLN A 162 -16.04 -16.95 -23.80
N HIS A 163 -14.79 -17.08 -23.43
CA HIS A 163 -14.44 -17.77 -22.18
C HIS A 163 -14.83 -16.91 -21.01
N LEU A 164 -14.73 -15.58 -21.12
CA LEU A 164 -15.13 -14.70 -20.01
C LEU A 164 -16.64 -14.78 -19.82
N ALA A 165 -17.39 -14.72 -20.89
CA ALA A 165 -18.86 -14.85 -20.77
C ALA A 165 -19.23 -16.20 -20.13
N GLU A 166 -18.64 -17.27 -20.60
CA GLU A 166 -18.95 -18.60 -20.03
C GLU A 166 -18.52 -18.69 -18.56
N PHE A 167 -17.36 -18.17 -18.20
CA PHE A 167 -16.89 -18.18 -16.80
C PHE A 167 -17.89 -17.42 -15.92
N LEU A 168 -18.37 -16.27 -16.39
CA LEU A 168 -19.34 -15.51 -15.62
C LEU A 168 -20.65 -16.27 -15.45
N ARG A 169 -21.11 -17.02 -16.49
CA ARG A 169 -22.29 -17.85 -16.38
C ARG A 169 -22.09 -18.94 -15.28
N ARG A 170 -20.92 -19.56 -15.28
CA ARG A 170 -20.62 -20.58 -14.28
C ARG A 170 -20.57 -19.94 -12.89
N CYS A 171 -19.98 -18.78 -12.78
CA CYS A 171 -19.96 -18.03 -11.50
C CYS A 171 -21.38 -17.75 -11.05
N LYS A 172 -22.27 -17.29 -11.93
CA LYS A 172 -23.68 -17.05 -11.53
C LYS A 172 -24.29 -18.28 -10.86
N GLY A 173 -24.02 -19.48 -11.42
CA GLY A 173 -24.54 -20.68 -10.91
C GLY A 173 -23.93 -21.11 -9.57
N SER A 174 -22.86 -20.49 -9.17
CA SER A 174 -22.12 -20.79 -7.94
CA SER A 174 -22.21 -20.86 -7.92
C SER A 174 -22.57 -19.87 -6.78
N LEU A 175 -23.32 -18.83 -7.07
CA LEU A 175 -23.70 -17.89 -5.99
C LEU A 175 -24.74 -18.46 -5.06
N ARG A 176 -24.53 -18.20 -3.75
CA ARG A 176 -25.55 -18.39 -2.72
C ARG A 176 -26.67 -17.34 -2.92
N PRO A 177 -27.80 -17.56 -2.27
CA PRO A 177 -28.82 -16.49 -2.24
C PRO A 177 -28.20 -15.18 -1.77
N ASN A 178 -28.56 -14.12 -2.51
CA ASN A 178 -28.05 -12.78 -2.27
C ASN A 178 -26.60 -12.60 -2.59
N GLY A 179 -25.98 -13.57 -3.23
CA GLY A 179 -24.57 -13.48 -3.61
C GLY A 179 -24.32 -12.51 -4.74
N ILE A 180 -23.08 -12.05 -4.83
CA ILE A 180 -22.67 -11.13 -5.89
C ILE A 180 -21.33 -11.58 -6.48
N ILE A 181 -21.10 -11.16 -7.73
CA ILE A 181 -19.82 -11.24 -8.40
C ILE A 181 -19.30 -9.81 -8.46
N VAL A 182 -18.00 -9.64 -8.15
CA VAL A 182 -17.37 -8.36 -8.31
C VAL A 182 -16.26 -8.53 -9.35
N ILE A 183 -16.24 -7.64 -10.36
CA ILE A 183 -15.16 -7.53 -11.28
C ILE A 183 -14.46 -6.21 -10.97
N LYS A 184 -13.14 -6.26 -10.82
CA LYS A 184 -12.34 -5.01 -10.69
C LYS A 184 -11.18 -5.12 -11.62
N ASP A 185 -11.03 -4.20 -12.55
CA ASP A 185 -10.00 -4.40 -13.58
C ASP A 185 -9.72 -3.15 -14.33
N ASN A 186 -8.66 -3.23 -15.14
CA ASN A 186 -8.28 -2.20 -16.06
C ASN A 186 -9.35 -2.05 -17.14
N MET A 187 -9.59 -0.84 -17.52
CA MET A 187 -10.53 -0.52 -18.60
C MET A 187 -9.83 0.38 -19.61
N ALA A 188 -10.05 0.11 -20.90
CA ALA A 188 -9.57 0.93 -21.99
C ALA A 188 -10.49 2.10 -22.23
N GLN A 189 -9.94 3.23 -22.68
CA GLN A 189 -10.75 4.34 -23.06
C GLN A 189 -11.71 3.94 -24.20
N GLU A 190 -11.20 3.17 -25.16
CA GLU A 190 -12.00 2.78 -26.32
C GLU A 190 -11.44 1.50 -26.91
N GLY A 191 -12.31 0.59 -27.22
CA GLY A 191 -11.98 -0.64 -27.92
C GLY A 191 -11.45 -1.75 -27.07
N VAL A 192 -10.64 -2.60 -27.72
CA VAL A 192 -10.06 -3.79 -27.10
C VAL A 192 -8.63 -3.80 -27.50
N ILE A 193 -7.74 -3.70 -26.53
CA ILE A 193 -6.31 -3.44 -26.79
C ILE A 193 -5.50 -4.63 -26.30
N LEU A 194 -4.69 -5.22 -27.21
CA LEU A 194 -3.80 -6.35 -26.85
C LEU A 194 -2.48 -5.87 -26.24
N ASP A 195 -2.12 -6.48 -25.12
CA ASP A 195 -0.76 -6.43 -24.57
C ASP A 195 -0.09 -7.78 -24.89
N ASP A 196 0.82 -7.77 -25.84
CA ASP A 196 1.42 -9.00 -26.27
CA ASP A 196 1.47 -8.97 -26.33
C ASP A 196 2.61 -9.44 -25.44
N VAL A 197 2.95 -8.66 -24.42
CA VAL A 197 4.03 -9.04 -23.52
C VAL A 197 3.49 -9.93 -22.41
N ASP A 198 2.44 -9.50 -21.72
CA ASP A 198 1.79 -10.37 -20.72
C ASP A 198 0.69 -11.26 -21.31
N SER A 199 0.32 -11.00 -22.57
CA SER A 199 -0.69 -11.80 -23.28
C SER A 199 -2.05 -11.65 -22.59
N SER A 200 -2.55 -10.43 -22.70
CA SER A 200 -3.85 -10.04 -22.14
C SER A 200 -4.49 -8.94 -22.98
N VAL A 201 -5.78 -8.68 -22.73
CA VAL A 201 -6.43 -7.55 -23.38
C VAL A 201 -7.02 -6.59 -22.33
N CYS A 202 -7.18 -5.36 -22.72
CA CYS A 202 -7.79 -4.29 -21.91
C CYS A 202 -9.05 -3.93 -22.75
N ARG A 203 -10.27 -3.96 -22.22
CA ARG A 203 -11.51 -3.65 -22.94
C ARG A 203 -12.15 -2.40 -22.40
N ASP A 204 -12.83 -1.69 -23.25
CA ASP A 204 -13.60 -0.50 -22.82
C ASP A 204 -14.85 -0.88 -22.02
N LEU A 205 -15.41 0.13 -21.35
CA LEU A 205 -16.55 -0.14 -20.47
C LEU A 205 -17.76 -0.72 -21.25
N ASP A 206 -17.99 -0.26 -22.46
CA ASP A 206 -19.11 -0.77 -23.29
C ASP A 206 -18.92 -2.28 -23.58
N VAL A 207 -17.69 -2.66 -23.87
CA VAL A 207 -17.41 -4.08 -24.16
C VAL A 207 -17.64 -4.93 -22.92
N VAL A 208 -17.11 -4.48 -21.77
CA VAL A 208 -17.25 -5.25 -20.56
C VAL A 208 -18.76 -5.35 -20.21
N ARG A 209 -19.47 -4.23 -20.28
CA ARG A 209 -20.92 -4.31 -20.00
C ARG A 209 -21.66 -5.29 -20.95
N ARG A 210 -21.27 -5.31 -22.23
CA ARG A 210 -21.85 -6.24 -23.18
C ARG A 210 -21.64 -7.70 -22.73
N ILE A 211 -20.42 -8.00 -22.32
CA ILE A 211 -20.06 -9.33 -21.90
C ILE A 211 -20.87 -9.73 -20.67
N ILE A 212 -20.97 -8.80 -19.71
CA ILE A 212 -21.72 -9.08 -18.50
C ILE A 212 -23.18 -9.39 -18.84
N CYS A 213 -23.76 -8.58 -19.70
CA CYS A 213 -25.15 -8.78 -20.16
CA CYS A 213 -25.15 -8.80 -20.09
C CYS A 213 -25.31 -10.14 -20.81
N SER A 214 -24.35 -10.49 -21.66
CA SER A 214 -24.37 -11.78 -22.37
CA SER A 214 -24.47 -11.77 -22.36
C SER A 214 -24.36 -12.96 -21.41
N ALA A 215 -23.73 -12.79 -20.27
CA ALA A 215 -23.67 -13.84 -19.23
C ALA A 215 -24.93 -13.93 -18.39
N GLY A 216 -25.95 -13.13 -18.68
CA GLY A 216 -27.18 -13.17 -17.89
C GLY A 216 -27.07 -12.47 -16.56
N LEU A 217 -26.15 -11.51 -16.43
CA LEU A 217 -25.93 -10.75 -15.23
C LEU A 217 -26.33 -9.30 -15.40
N SER A 218 -26.61 -8.67 -14.26
CA SER A 218 -27.03 -7.27 -14.22
C SER A 218 -26.14 -6.51 -13.26
N LEU A 219 -25.97 -5.23 -13.55
CA LEU A 219 -25.16 -4.39 -12.67
CA LEU A 219 -25.16 -4.36 -12.67
C LEU A 219 -25.92 -3.89 -11.46
N LEU A 220 -25.33 -4.09 -10.28
CA LEU A 220 -25.80 -3.46 -9.07
C LEU A 220 -25.11 -2.13 -8.79
N ALA A 221 -23.86 -2.02 -9.20
CA ALA A 221 -23.07 -0.81 -8.98
C ALA A 221 -21.81 -0.83 -9.86
N GLU A 222 -21.32 0.37 -10.20
CA GLU A 222 -20.12 0.53 -11.02
C GLU A 222 -19.38 1.72 -10.44
N GLU A 223 -18.10 1.61 -10.22
CA GLU A 223 -17.36 2.69 -9.57
C GLU A 223 -15.95 2.77 -10.16
N ARG A 224 -15.50 3.98 -10.52
CA ARG A 224 -14.09 4.19 -10.91
C ARG A 224 -13.19 4.24 -9.66
N GLN A 225 -12.05 3.59 -9.74
CA GLN A 225 -11.04 3.67 -8.65
C GLN A 225 -10.36 5.00 -8.69
N GLU A 226 -10.39 5.71 -7.55
CA GLU A 226 -9.70 6.98 -7.44
CA GLU A 226 -9.72 6.98 -7.44
C GLU A 226 -8.27 6.84 -6.92
N ASN A 227 -7.53 7.94 -7.02
CA ASN A 227 -6.20 8.08 -6.39
C ASN A 227 -5.15 7.16 -6.93
N LEU A 228 -5.31 6.76 -8.18
CA LEU A 228 -4.28 6.00 -8.90
C LEU A 228 -3.31 6.91 -9.64
N PRO A 229 -2.09 6.40 -9.92
CA PRO A 229 -1.14 7.12 -10.80
C PRO A 229 -1.80 7.50 -12.13
N ASP A 230 -1.51 8.70 -12.62
CA ASP A 230 -2.12 9.23 -13.83
CA ASP A 230 -2.16 9.20 -13.82
C ASP A 230 -1.80 8.40 -15.07
N GLU A 231 -0.67 7.70 -15.06
CA GLU A 231 -0.19 7.04 -16.26
C GLU A 231 -0.80 5.70 -16.60
N ILE A 232 -1.54 5.11 -15.65
CA ILE A 232 -2.03 3.76 -15.81
C ILE A 232 -3.46 3.77 -16.31
N TYR A 233 -3.86 2.63 -16.88
CA TYR A 233 -5.26 2.46 -17.33
C TYR A 233 -6.20 2.72 -16.18
N HIS A 234 -7.34 3.32 -16.49
CA HIS A 234 -8.35 3.51 -15.43
C HIS A 234 -8.83 2.12 -14.96
N VAL A 235 -9.29 2.06 -13.70
CA VAL A 235 -9.70 0.84 -13.08
C VAL A 235 -11.14 1.04 -12.59
N TYR A 236 -11.98 0.05 -12.87
CA TYR A 236 -13.37 0.11 -12.40
C TYR A 236 -13.73 -1.13 -11.67
N SER A 237 -14.70 -0.97 -10.78
CA SER A 237 -15.34 -2.08 -10.07
C SER A 237 -16.80 -2.20 -10.51
N PHE A 238 -17.24 -3.43 -10.69
CA PHE A 238 -18.65 -3.71 -11.02
C PHE A 238 -19.15 -4.74 -10.04
N ALA A 239 -20.31 -4.53 -9.44
CA ALA A 239 -20.97 -5.57 -8.60
C ALA A 239 -22.15 -6.11 -9.41
N LEU A 240 -22.27 -7.43 -9.50
CA LEU A 240 -23.18 -8.07 -10.44
C LEU A 240 -23.99 -9.13 -9.72
N ARG A 241 -25.20 -9.38 -10.21
CA ARG A 241 -25.96 -10.60 -9.87
C ARG A 241 -26.83 -11.02 -11.00
N PRO B 16 -5.69 28.32 2.93
CA PRO B 16 -5.63 27.03 3.66
C PRO B 16 -5.62 27.17 5.21
N ARG B 17 -6.01 26.09 5.91
CA ARG B 17 -6.14 26.09 7.37
C ARG B 17 -4.77 26.02 8.06
N GLY B 18 -4.69 26.53 9.29
CA GLY B 18 -3.39 26.76 9.97
C GLY B 18 -2.89 25.75 10.99
N SER B 19 -3.68 24.70 11.25
CA SER B 19 -3.36 23.73 12.30
C SER B 19 -4.10 22.44 12.06
N THR B 20 -3.68 21.35 12.70
CA THR B 20 -4.38 20.05 12.55
C THR B 20 -5.79 20.08 13.10
N SER B 21 -6.00 20.89 14.13
CA SER B 21 -7.29 20.87 14.76
C SER B 21 -8.35 21.49 13.82
N GLU B 22 -7.91 22.26 12.81
CA GLU B 22 -8.80 22.87 11.82
C GLU B 22 -9.09 21.90 10.65
N VAL B 23 -8.25 20.92 10.40
CA VAL B 23 -8.46 20.01 9.27
C VAL B 23 -8.87 18.58 9.66
N ILE B 24 -8.60 18.15 10.90
CA ILE B 24 -8.94 16.82 11.35
C ILE B 24 -10.32 16.92 11.99
N GLU B 25 -11.29 16.29 11.36
CA GLU B 25 -12.66 16.27 11.83
C GLU B 25 -12.80 15.33 13.04
N ASP B 26 -12.09 14.21 13.04
CA ASP B 26 -12.25 13.15 14.03
C ASP B 26 -10.90 12.54 14.33
N GLU B 27 -10.35 12.84 15.50
CA GLU B 27 -9.02 12.38 15.80
C GLU B 27 -8.85 10.85 15.91
N LYS B 28 -9.81 10.17 16.55
CA LYS B 28 -9.77 8.70 16.65
CA LYS B 28 -9.75 8.70 16.64
C LYS B 28 -9.65 8.09 15.22
N GLN B 29 -10.41 8.64 14.29
CA GLN B 29 -10.40 8.12 12.91
C GLN B 29 -9.15 8.49 12.16
N PHE B 30 -8.63 9.70 12.40
CA PHE B 30 -7.35 10.11 11.81
C PHE B 30 -6.27 9.05 12.14
N TYR B 31 -6.19 8.61 13.40
CA TYR B 31 -5.28 7.59 13.78
C TYR B 31 -5.64 6.17 13.30
N SER B 32 -6.90 5.81 13.39
CA SER B 32 -7.28 4.41 13.04
C SER B 32 -7.13 4.19 11.54
N LYS B 33 -7.51 5.19 10.75
CA LYS B 33 -7.40 5.01 9.28
C LYS B 33 -5.93 4.90 8.90
N ALA B 34 -5.04 5.64 9.54
CA ALA B 34 -3.63 5.62 9.19
C ALA B 34 -3.09 4.25 9.51
N LYS B 35 -3.51 3.67 10.63
CA LYS B 35 -2.98 2.37 11.07
C LYS B 35 -3.41 1.27 10.04
N THR B 36 -4.64 1.34 9.62
CA THR B 36 -5.15 0.47 8.56
C THR B 36 -4.39 0.67 7.26
N TYR B 37 -4.19 1.93 6.90
CA TYR B 37 -3.50 2.17 5.63
C TYR B 37 -2.14 1.44 5.57
N TRP B 38 -1.31 1.65 6.60
CA TRP B 38 0.04 1.10 6.59
C TRP B 38 0.05 -0.41 6.77
N LYS B 39 -0.96 -0.96 7.47
CA LYS B 39 -1.10 -2.43 7.57
C LYS B 39 -1.15 -3.09 6.22
N GLN B 40 -1.70 -2.37 5.25
CA GLN B 40 -1.87 -2.91 3.90
C GLN B 40 -0.80 -2.56 2.92
N ILE B 41 0.26 -1.89 3.37
CA ILE B 41 1.37 -1.48 2.45
C ILE B 41 2.39 -2.61 2.39
N PRO B 42 2.92 -2.93 1.20
CA PRO B 42 3.94 -3.98 1.17
C PRO B 42 5.21 -3.58 1.90
N PRO B 43 5.82 -4.50 2.62
CA PRO B 43 6.98 -4.18 3.47
C PRO B 43 8.28 -4.13 2.66
N THR B 44 8.33 -3.13 1.80
CA THR B 44 9.40 -2.94 0.81
C THR B 44 9.79 -1.48 0.85
N VAL B 45 10.97 -1.20 0.31
CA VAL B 45 11.41 0.18 0.15
C VAL B 45 10.44 0.99 -0.70
N ASP B 46 9.91 0.40 -1.77
CA ASP B 46 8.96 1.16 -2.58
C ASP B 46 7.64 1.38 -1.88
N GLY B 47 7.27 0.45 -1.00
CA GLY B 47 6.12 0.69 -0.11
C GLY B 47 6.34 1.81 0.90
N MET B 48 7.50 1.82 1.53
CA MET B 48 7.85 2.88 2.48
C MET B 48 7.75 4.22 1.77
N LEU B 49 8.21 4.27 0.50
CA LEU B 49 8.34 5.56 -0.18
C LEU B 49 7.23 5.83 -1.15
N GLY B 50 6.12 5.09 -1.07
CA GLY B 50 4.96 5.46 -1.85
C GLY B 50 5.13 5.51 -3.35
N GLY B 51 5.92 4.59 -3.87
CA GLY B 51 6.23 4.50 -5.26
C GLY B 51 7.45 5.27 -5.66
N TYR B 52 8.05 5.97 -4.71
CA TYR B 52 9.30 6.69 -4.95
C TYR B 52 10.52 5.96 -4.42
N GLY B 53 10.51 4.64 -4.43
CA GLY B 53 11.67 3.90 -3.93
C GLY B 53 12.95 4.31 -4.61
N HIS B 54 12.86 4.75 -5.85
CA HIS B 54 14.04 5.14 -6.66
C HIS B 54 14.76 6.38 -6.10
N ILE B 55 14.14 7.14 -5.20
CA ILE B 55 14.84 8.31 -4.57
C ILE B 55 15.55 7.94 -3.30
N SER B 56 15.52 6.68 -2.89
CA SER B 56 16.06 6.33 -1.56
C SER B 56 17.52 6.73 -1.43
N SER B 57 18.35 6.43 -2.44
CA SER B 57 19.80 6.81 -2.31
C SER B 57 20.02 8.30 -2.24
N ILE B 58 19.28 9.08 -3.03
CA ILE B 58 19.41 10.54 -2.97
C ILE B 58 19.10 11.01 -1.53
N ASP B 59 17.99 10.51 -1.02
CA ASP B 59 17.58 10.83 0.35
C ASP B 59 18.65 10.45 1.40
N ILE B 60 19.06 9.18 1.37
CA ILE B 60 19.99 8.70 2.41
C ILE B 60 21.33 9.42 2.32
N ASN B 61 21.84 9.61 1.10
CA ASN B 61 23.18 10.21 0.96
C ASN B 61 23.15 11.64 1.49
N SER B 62 22.04 12.35 1.29
CA SER B 62 21.90 13.70 1.84
C SER B 62 21.76 13.68 3.36
N SER B 63 20.92 12.77 3.85
CA SER B 63 20.76 12.62 5.28
C SER B 63 22.12 12.39 5.96
N ARG B 64 22.93 11.53 5.34
CA ARG B 64 24.23 11.16 5.95
C ARG B 64 25.12 12.41 6.03
N LYS B 65 25.11 13.23 4.99
CA LYS B 65 25.94 14.43 5.01
C LYS B 65 25.47 15.41 6.10
N PHE B 66 24.15 15.55 6.19
CA PHE B 66 23.53 16.37 7.21
C PHE B 66 23.90 15.96 8.59
N LEU B 67 23.86 14.68 8.84
CA LEU B 67 24.10 14.13 10.14
C LEU B 67 25.58 14.11 10.50
N GLN B 68 26.43 13.77 9.52
CA GLN B 68 27.88 13.66 9.86
C GLN B 68 28.48 14.90 10.41
N ARG B 69 27.95 16.07 10.05
CA ARG B 69 28.51 17.30 10.60
CA ARG B 69 28.39 17.34 10.63
C ARG B 69 28.36 17.34 12.14
N PHE B 70 27.26 16.83 12.67
CA PHE B 70 27.07 16.79 14.11
C PHE B 70 27.90 15.72 14.79
N LEU B 71 28.11 14.61 14.09
CA LEU B 71 28.87 13.48 14.68
C LEU B 71 30.37 13.70 14.69
N ARG B 72 30.89 14.64 13.85
CA ARG B 72 32.37 14.81 13.75
C ARG B 72 32.92 16.17 14.18
N GLU B 73 32.01 17.15 14.38
CA GLU B 73 32.40 18.51 14.69
C GLU B 73 32.10 18.89 16.14
N GLY B 74 33.11 19.26 16.88
CA GLY B 74 32.96 19.80 18.24
C GLY B 74 32.95 21.31 18.16
N PRO B 75 32.88 21.99 19.29
N PRO B 75 33.09 21.99 19.30
CA PRO B 75 32.83 21.34 20.57
CA PRO B 75 33.41 21.33 20.57
C PRO B 75 31.47 20.73 20.75
C PRO B 75 32.29 20.58 21.30
N ASN B 76 31.36 19.88 21.75
N ASN B 76 31.04 20.59 20.79
CA ASN B 76 30.08 19.34 22.11
CA ASN B 76 29.98 19.83 21.47
C ASN B 76 29.54 18.46 20.93
C ASN B 76 29.55 18.64 20.61
N LYS B 77 30.44 17.70 20.33
CA LYS B 77 30.12 16.71 19.30
C LYS B 77 29.09 15.70 19.74
N THR B 78 28.19 15.37 18.86
CA THR B 78 27.20 14.30 19.12
C THR B 78 27.84 12.93 19.12
N GLY B 79 27.44 12.07 20.06
CA GLY B 79 28.00 10.72 20.16
C GLY B 79 27.43 9.76 19.14
N THR B 80 27.95 8.54 19.20
CA THR B 80 27.65 7.49 18.25
C THR B 80 27.30 6.15 18.95
N SER B 81 26.80 6.18 20.18
CA SER B 81 26.51 4.93 20.90
CA SER B 81 26.50 4.94 20.94
C SER B 81 25.16 4.36 20.52
N CYS B 82 24.16 5.22 20.31
CA CYS B 82 22.81 4.70 20.12
C CYS B 82 21.91 5.70 19.43
N ALA B 83 21.11 5.21 18.47
CA ALA B 83 20.15 6.04 17.78
C ALA B 83 18.78 5.40 17.87
N LEU B 84 17.74 6.23 17.80
CA LEU B 84 16.36 5.76 17.68
C LEU B 84 15.77 6.16 16.34
N ASP B 85 15.23 5.20 15.62
CA ASP B 85 14.62 5.45 14.31
C ASP B 85 13.11 5.40 14.51
N CYS B 86 12.47 6.56 14.35
CA CYS B 86 11.01 6.71 14.68
C CYS B 86 10.17 6.65 13.40
N GLY B 87 9.11 5.86 13.44
CA GLY B 87 8.39 5.54 12.22
C GLY B 87 9.30 4.79 11.26
N ALA B 88 10.05 3.85 11.81
CA ALA B 88 11.21 3.24 11.07
C ALA B 88 10.78 2.37 9.93
N GLY B 89 9.56 1.89 9.95
CA GLY B 89 9.12 0.96 8.91
C GLY B 89 9.97 -0.30 8.94
N ILE B 90 10.36 -0.76 7.76
CA ILE B 90 11.18 -1.98 7.61
C ILE B 90 12.64 -1.70 7.88
N GLY B 91 13.00 -0.44 8.14
CA GLY B 91 14.39 -0.12 8.42
C GLY B 91 15.21 0.35 7.24
N ARG B 92 14.58 1.02 6.29
CA ARG B 92 15.32 1.62 5.18
C ARG B 92 16.44 2.53 5.68
N ILE B 93 16.15 3.38 6.64
CA ILE B 93 17.09 4.36 7.16
C ILE B 93 17.98 3.64 8.15
N THR B 94 17.40 2.77 8.98
CA THR B 94 18.23 1.98 9.92
C THR B 94 19.34 1.26 9.18
N LYS B 95 19.01 0.62 8.06
CA LYS B 95 20.00 -0.10 7.32
C LYS B 95 21.15 0.75 6.77
N ARG B 96 20.80 1.80 6.04
CA ARG B 96 21.80 2.51 5.26
C ARG B 96 22.36 3.72 5.91
N LEU B 97 21.64 4.32 6.83
CA LEU B 97 22.09 5.52 7.53
C LEU B 97 22.60 5.18 8.95
N LEU B 98 21.79 4.57 9.78
CA LEU B 98 22.04 4.55 11.21
C LEU B 98 22.92 3.39 11.66
N LEU B 99 22.61 2.17 11.26
CA LEU B 99 23.48 1.04 11.70
C LEU B 99 24.98 1.27 11.42
N PRO B 100 25.31 1.88 10.25
CA PRO B 100 26.75 2.00 10.02
C PRO B 100 27.42 3.04 10.90
N LEU B 101 26.64 3.92 11.49
CA LEU B 101 27.15 5.06 12.25
C LEU B 101 27.02 4.91 13.78
N PHE B 102 26.09 4.10 14.26
CA PHE B 102 25.80 3.98 15.70
C PHE B 102 26.02 2.53 16.15
N ARG B 103 26.56 2.36 17.34
CA ARG B 103 26.87 1.01 17.86
C ARG B 103 25.59 0.17 17.95
N GLU B 104 24.51 0.81 18.41
CA GLU B 104 23.21 0.18 18.54
C GLU B 104 22.13 1.11 18.05
N VAL B 105 21.03 0.50 17.55
CA VAL B 105 19.89 1.26 17.07
C VAL B 105 18.63 0.66 17.64
N ASP B 106 17.70 1.49 18.09
CA ASP B 106 16.34 1.05 18.42
C ASP B 106 15.40 1.53 17.34
N MET B 107 14.34 0.74 17.04
CA MET B 107 13.35 1.08 16.06
C MET B 107 11.98 1.17 16.71
N VAL B 108 11.20 2.17 16.35
CA VAL B 108 9.80 2.26 16.80
C VAL B 108 8.92 2.49 15.61
N ASP B 109 7.87 1.69 15.50
CA ASP B 109 6.92 1.84 14.40
C ASP B 109 5.58 1.28 14.86
N ILE B 110 4.48 1.81 14.31
CA ILE B 110 3.15 1.35 14.68
C ILE B 110 2.77 0.01 14.01
N THR B 111 3.44 -0.33 12.89
CA THR B 111 3.06 -1.51 12.08
C THR B 111 3.91 -2.75 12.38
N GLU B 112 3.37 -3.69 13.14
CA GLU B 112 4.12 -4.88 13.58
CA GLU B 112 4.12 -4.85 13.58
C GLU B 112 4.80 -5.58 12.40
N ASP B 113 4.08 -5.75 11.28
CA ASP B 113 4.65 -6.49 10.20
C ASP B 113 5.88 -5.86 9.60
N PHE B 114 6.01 -4.53 9.74
CA PHE B 114 7.19 -3.90 9.20
C PHE B 114 8.39 -4.21 10.08
N LEU B 115 8.18 -4.27 11.37
CA LEU B 115 9.27 -4.61 12.30
C LEU B 115 9.67 -6.07 12.17
N VAL B 116 8.71 -6.94 11.87
CA VAL B 116 9.00 -8.34 11.58
C VAL B 116 9.84 -8.40 10.34
N GLN B 117 9.43 -7.71 9.29
CA GLN B 117 10.23 -7.72 8.04
C GLN B 117 11.64 -7.18 8.25
N ALA B 118 11.77 -6.19 9.12
CA ALA B 118 13.03 -5.57 9.38
C ALA B 118 14.09 -6.59 9.78
N LYS B 119 13.70 -7.59 10.53
CA LYS B 119 14.68 -8.58 10.96
C LYS B 119 15.35 -9.27 9.79
N THR B 120 14.57 -9.49 8.72
CA THR B 120 15.08 -10.04 7.48
C THR B 120 15.83 -8.98 6.66
N TYR B 121 15.16 -7.87 6.45
CA TYR B 121 15.68 -6.78 5.60
C TYR B 121 17.03 -6.29 6.07
N LEU B 122 17.20 -6.19 7.40
CA LEU B 122 18.48 -5.68 7.94
C LEU B 122 19.60 -6.64 7.97
N GLY B 123 19.32 -7.93 7.83
CA GLY B 123 20.38 -8.90 7.75
C GLY B 123 21.30 -8.99 8.95
N GLU B 124 22.54 -9.34 8.71
CA GLU B 124 23.48 -9.53 9.81
C GLU B 124 23.70 -8.28 10.62
N GLU B 125 23.75 -7.10 9.96
CA GLU B 125 23.99 -5.90 10.72
C GLU B 125 22.81 -5.59 11.61
N GLY B 126 21.63 -6.07 11.26
CA GLY B 126 20.45 -5.91 12.12
C GLY B 126 20.54 -6.57 13.49
N LYS B 127 21.51 -7.44 13.71
CA LYS B 127 21.71 -8.01 15.04
C LYS B 127 22.02 -6.90 16.03
N ARG B 128 22.48 -5.74 15.57
CA ARG B 128 22.75 -4.63 16.49
C ARG B 128 21.53 -3.75 16.75
N VAL B 129 20.37 -4.08 16.20
CA VAL B 129 19.15 -3.46 16.64
C VAL B 129 18.82 -4.02 18.03
N ARG B 130 18.73 -3.11 19.00
CA ARG B 130 18.64 -3.50 20.40
C ARG B 130 17.18 -3.73 20.76
N ASN B 131 16.31 -2.76 20.50
CA ASN B 131 14.87 -2.86 20.76
C ASN B 131 14.06 -2.59 19.51
N TYR B 132 13.05 -3.42 19.21
CA TYR B 132 12.06 -3.13 18.23
C TYR B 132 10.79 -2.80 19.00
N PHE B 133 10.30 -1.59 18.96
CA PHE B 133 9.16 -1.17 19.73
C PHE B 133 7.98 -1.03 18.76
N CYS B 134 6.92 -1.82 18.98
CA CYS B 134 5.70 -1.67 18.18
C CYS B 134 4.76 -0.78 18.94
N CYS B 135 4.64 0.48 18.51
CA CYS B 135 3.92 1.52 19.26
C CYS B 135 3.68 2.71 18.35
N GLY B 136 2.52 3.40 18.47
CA GLY B 136 2.39 4.69 17.80
C GLY B 136 3.24 5.69 18.57
N LEU B 137 3.81 6.65 17.88
CA LEU B 137 4.65 7.65 18.55
C LEU B 137 3.87 8.43 19.60
N GLN B 138 2.59 8.64 19.31
CA GLN B 138 1.67 9.31 20.23
C GLN B 138 1.53 8.64 21.59
N ASP B 139 1.84 7.33 21.65
CA ASP B 139 1.82 6.55 22.88
C ASP B 139 3.20 6.12 23.36
N PHE B 140 4.26 6.65 22.76
CA PHE B 140 5.60 6.13 23.01
C PHE B 140 6.45 7.10 23.82
N THR B 141 7.09 6.59 24.88
CA THR B 141 7.99 7.36 25.68
C THR B 141 9.40 6.77 25.55
N PRO B 142 10.25 7.43 24.81
CA PRO B 142 11.65 6.93 24.77
C PRO B 142 12.32 7.10 26.11
N GLU B 143 13.18 6.15 26.49
CA GLU B 143 13.73 6.14 27.82
C GLU B 143 14.67 7.34 28.07
N PRO B 144 14.71 7.89 29.28
CA PRO B 144 15.64 8.99 29.55
C PRO B 144 17.09 8.65 29.27
N ASP B 145 17.85 9.63 28.78
CA ASP B 145 19.30 9.52 28.66
C ASP B 145 19.73 8.31 27.85
N SER B 146 19.07 8.08 26.71
CA SER B 146 19.29 6.86 25.93
C SER B 146 19.90 7.06 24.56
N TYR B 147 19.60 8.17 23.91
CA TYR B 147 19.92 8.24 22.47
C TYR B 147 20.78 9.44 22.15
N ASP B 148 21.80 9.22 21.33
CA ASP B 148 22.57 10.34 20.79
C ASP B 148 21.84 11.00 19.64
N VAL B 149 21.09 10.22 18.86
CA VAL B 149 20.34 10.75 17.74
C VAL B 149 18.96 10.11 17.74
N ILE B 150 17.93 10.93 17.61
CA ILE B 150 16.57 10.46 17.39
C ILE B 150 16.17 10.95 16.02
N TRP B 151 15.94 10.02 15.13
CA TRP B 151 15.66 10.26 13.73
C TRP B 151 14.19 10.04 13.44
N ILE B 152 13.52 11.06 12.94
CA ILE B 152 12.07 11.06 12.73
C ILE B 152 11.79 11.49 11.30
N GLN B 153 11.52 10.50 10.44
CA GLN B 153 11.44 10.78 9.02
C GLN B 153 10.14 10.23 8.38
N TRP B 154 9.45 11.09 7.65
CA TRP B 154 8.24 10.70 6.90
C TRP B 154 7.23 9.98 7.82
N VAL B 155 7.03 10.63 9.00
CA VAL B 155 6.01 10.20 9.93
C VAL B 155 5.36 11.33 10.73
N ILE B 156 5.95 12.55 10.79
CA ILE B 156 5.34 13.56 11.66
C ILE B 156 3.93 13.95 11.23
N GLY B 157 3.60 13.78 9.97
CA GLY B 157 2.28 14.08 9.50
C GLY B 157 1.19 13.12 9.94
N HIS B 158 1.62 12.07 10.65
CA HIS B 158 0.69 11.13 11.26
C HIS B 158 0.28 11.46 12.66
N LEU B 159 0.89 12.53 13.24
CA LEU B 159 0.54 13.01 14.54
C LEU B 159 -0.19 14.31 14.47
N THR B 160 -1.11 14.51 15.41
CA THR B 160 -1.71 15.85 15.58
C THR B 160 -0.67 16.82 16.07
N ASP B 161 -0.93 18.13 15.89
CA ASP B 161 0.05 19.15 16.37
C ASP B 161 0.36 18.91 17.83
N GLN B 162 -0.68 18.75 18.65
CA GLN B 162 -0.44 18.55 20.09
C GLN B 162 0.35 17.28 20.39
N HIS B 163 0.01 16.18 19.75
CA HIS B 163 0.78 14.96 19.96
C HIS B 163 2.21 15.05 19.48
N LEU B 164 2.43 15.78 18.39
CA LEU B 164 3.76 15.95 17.86
C LEU B 164 4.58 16.79 18.87
N ALA B 165 3.99 17.85 19.37
CA ALA B 165 4.76 18.68 20.33
C ALA B 165 5.07 17.86 21.57
N GLU B 166 4.07 17.10 22.08
CA GLU B 166 4.26 16.26 23.26
C GLU B 166 5.35 15.20 23.03
N PHE B 167 5.29 14.60 21.85
CA PHE B 167 6.26 13.58 21.52
C PHE B 167 7.70 14.15 21.47
N LEU B 168 7.84 15.30 20.84
CA LEU B 168 9.14 15.93 20.75
C LEU B 168 9.67 16.29 22.12
N ARG B 169 8.80 16.73 23.03
CA ARG B 169 9.24 17.01 24.40
C ARG B 169 9.74 15.74 25.10
N ARG B 170 9.05 14.61 24.91
CA ARG B 170 9.52 13.34 25.47
C ARG B 170 10.85 12.95 24.85
N CYS B 171 11.01 13.19 23.55
CA CYS B 171 12.29 12.92 22.88
C CYS B 171 13.42 13.73 23.50
N LYS B 172 13.16 14.98 23.81
CA LYS B 172 14.23 15.85 24.35
C LYS B 172 14.80 15.19 25.62
N GLY B 173 13.91 14.63 26.47
CA GLY B 173 14.33 14.04 27.72
C GLY B 173 15.06 12.74 27.57
N SER B 174 15.02 12.18 26.37
CA SER B 174 15.62 10.93 25.96
CA SER B 174 15.68 10.90 26.10
C SER B 174 17.05 11.10 25.45
N LEU B 175 17.42 12.32 25.11
CA LEU B 175 18.75 12.58 24.55
C LEU B 175 19.87 12.42 25.60
N ARG B 176 20.93 11.75 25.14
CA ARG B 176 22.26 11.82 25.80
C ARG B 176 22.85 13.25 25.64
N PRO B 177 23.88 13.58 26.45
CA PRO B 177 24.53 14.90 26.28
C PRO B 177 24.99 15.09 24.83
N ASN B 178 24.73 16.29 24.34
CA ASN B 178 25.02 16.68 22.97
C ASN B 178 24.18 16.00 21.93
N GLY B 179 23.19 15.19 22.34
CA GLY B 179 22.36 14.51 21.40
C GLY B 179 21.47 15.46 20.64
N ILE B 180 20.96 14.95 19.53
CA ILE B 180 20.05 15.71 18.67
C ILE B 180 18.87 14.90 18.23
N ILE B 181 17.79 15.64 17.92
CA ILE B 181 16.63 15.11 17.20
C ILE B 181 16.69 15.62 15.76
N VAL B 182 16.46 14.75 14.81
CA VAL B 182 16.33 15.19 13.41
C VAL B 182 14.93 14.86 12.94
N ILE B 183 14.24 15.88 12.39
CA ILE B 183 13.02 15.65 11.66
C ILE B 183 13.33 15.81 10.19
N LYS B 184 12.85 14.88 9.38
CA LYS B 184 12.97 15.00 7.91
C LYS B 184 11.64 14.65 7.30
N ASP B 185 11.00 15.58 6.60
CA ASP B 185 9.64 15.28 6.18
C ASP B 185 9.16 16.22 5.10
N ASN B 186 8.00 15.86 4.55
CA ASN B 186 7.31 16.69 3.57
C ASN B 186 6.85 17.99 4.20
N MET B 187 6.95 19.07 3.43
CA MET B 187 6.52 20.40 3.86
C MET B 187 5.53 20.96 2.85
N ALA B 188 4.47 21.59 3.35
CA ALA B 188 3.50 22.26 2.49
C ALA B 188 3.95 23.65 2.18
N GLN B 189 3.58 24.17 1.00
CA GLN B 189 3.86 25.59 0.67
C GLN B 189 3.21 26.49 1.72
N GLU B 190 1.97 26.19 2.09
CA GLU B 190 1.26 27.05 3.02
C GLU B 190 0.17 26.30 3.80
N GLY B 191 0.14 26.54 5.12
CA GLY B 191 -0.87 25.98 6.01
C GLY B 191 -0.68 24.50 6.33
N VAL B 192 -1.81 23.83 6.59
CA VAL B 192 -1.82 22.41 6.97
C VAL B 192 -2.81 21.72 6.04
N ILE B 193 -2.36 20.68 5.33
CA ILE B 193 -3.12 20.06 4.25
C ILE B 193 -3.34 18.59 4.62
N LEU B 194 -4.61 18.17 4.65
CA LEU B 194 -4.94 16.78 4.96
C LEU B 194 -4.88 15.93 3.66
N ASP B 195 -4.20 14.81 3.77
CA ASP B 195 -4.29 13.72 2.77
C ASP B 195 -5.25 12.62 3.33
N ASP B 196 -6.45 12.57 2.77
CA ASP B 196 -7.43 11.61 3.30
CA ASP B 196 -7.53 11.62 3.15
C ASP B 196 -7.22 10.18 2.71
N VAL B 197 -6.25 10.01 1.86
CA VAL B 197 -5.95 8.70 1.28
C VAL B 197 -5.14 7.88 2.29
N ASP B 198 -4.09 8.48 2.86
CA ASP B 198 -3.28 7.80 3.88
C ASP B 198 -3.49 8.29 5.33
N SER B 199 -4.35 9.30 5.48
CA SER B 199 -4.73 9.80 6.80
C SER B 199 -3.53 10.44 7.47
N SER B 200 -3.02 11.44 6.78
CA SER B 200 -1.85 12.22 7.24
C SER B 200 -2.02 13.70 6.90
N VAL B 201 -1.20 14.56 7.53
CA VAL B 201 -1.16 15.95 7.13
C VAL B 201 0.25 16.33 6.68
N CYS B 202 0.30 17.41 5.92
N CYS B 202 0.40 17.35 5.84
CA CYS B 202 1.51 18.08 5.52
CA CYS B 202 1.71 18.03 5.82
C CYS B 202 1.44 19.54 6.06
C CYS B 202 1.49 19.51 6.07
N ARG B 203 2.52 20.06 6.66
CA ARG B 203 2.48 21.39 7.28
C ARG B 203 3.51 22.31 6.67
N ASP B 204 3.27 23.61 6.69
CA ASP B 204 4.28 24.54 6.21
C ASP B 204 5.40 24.73 7.25
N LEU B 205 6.49 25.37 6.80
CA LEU B 205 7.67 25.56 7.63
C LEU B 205 7.36 26.33 8.92
N ASP B 206 6.52 27.34 8.82
CA ASP B 206 6.16 28.13 10.00
C ASP B 206 5.47 27.28 11.06
N VAL B 207 4.55 26.42 10.62
CA VAL B 207 3.80 25.59 11.55
C VAL B 207 4.77 24.63 12.25
N VAL B 208 5.67 24.03 11.47
CA VAL B 208 6.64 23.07 12.00
C VAL B 208 7.56 23.78 12.99
N ARG B 209 8.05 24.94 12.62
CA ARG B 209 8.94 25.66 13.54
C ARG B 209 8.23 26.03 14.82
N ARG B 210 6.99 26.48 14.69
CA ARG B 210 6.20 26.76 15.88
C ARG B 210 6.05 25.56 16.81
N ILE B 211 5.81 24.38 16.25
CA ILE B 211 5.63 23.17 17.04
C ILE B 211 6.93 22.79 17.70
N ILE B 212 8.03 22.94 16.98
CA ILE B 212 9.35 22.69 17.56
C ILE B 212 9.59 23.60 18.77
N CYS B 213 9.30 24.86 18.60
CA CYS B 213 9.48 25.85 19.67
C CYS B 213 8.60 25.49 20.86
N SER B 214 7.35 25.09 20.62
CA SER B 214 6.47 24.72 21.73
C SER B 214 6.96 23.51 22.53
N ALA B 215 7.74 22.65 21.88
CA ALA B 215 8.34 21.49 22.53
C ALA B 215 9.61 21.85 23.35
N GLY B 216 10.01 23.10 23.37
CA GLY B 216 11.21 23.55 24.12
C GLY B 216 12.50 23.14 23.44
N LEU B 217 12.44 23.00 22.12
CA LEU B 217 13.60 22.65 21.32
C LEU B 217 14.12 23.84 20.56
N SER B 218 15.43 23.83 20.34
CA SER B 218 16.11 24.85 19.58
C SER B 218 16.49 24.31 18.23
N LEU B 219 16.40 25.17 17.21
CA LEU B 219 16.72 24.80 15.85
C LEU B 219 18.23 24.99 15.59
N LEU B 220 18.93 23.90 15.32
CA LEU B 220 20.36 23.92 15.10
C LEU B 220 20.68 24.04 13.62
N ALA B 221 19.87 23.48 12.75
CA ALA B 221 20.15 23.55 11.31
C ALA B 221 18.89 23.15 10.61
N GLU B 222 18.72 23.72 9.42
CA GLU B 222 17.56 23.39 8.59
C GLU B 222 18.10 23.30 7.17
N GLU B 223 17.63 22.32 6.42
CA GLU B 223 18.12 22.12 5.07
C GLU B 223 17.06 21.55 4.15
N ARG B 224 16.91 22.16 2.97
CA ARG B 224 16.02 21.59 1.98
C ARG B 224 16.69 20.45 1.21
N GLN B 225 15.96 19.37 1.00
CA GLN B 225 16.45 18.24 0.21
C GLN B 225 16.48 18.58 -1.29
N GLU B 226 17.65 18.40 -1.88
CA GLU B 226 17.88 18.65 -3.30
CA GLU B 226 17.82 18.68 -3.31
C GLU B 226 17.56 17.43 -4.18
N ASN B 227 17.47 17.66 -5.49
CA ASN B 227 17.40 16.60 -6.47
C ASN B 227 16.22 15.68 -6.37
N LEU B 228 15.09 16.23 -5.93
CA LEU B 228 13.84 15.46 -5.88
C LEU B 228 13.03 15.72 -7.13
N PRO B 229 12.15 14.78 -7.49
CA PRO B 229 11.20 14.99 -8.57
C PRO B 229 10.37 16.27 -8.36
N ASP B 230 10.11 17.01 -9.41
CA ASP B 230 9.42 18.30 -9.27
C ASP B 230 8.01 18.19 -8.72
N GLU B 231 7.35 17.06 -8.96
CA GLU B 231 5.93 16.93 -8.64
C GLU B 231 5.61 16.66 -7.18
N ILE B 232 6.63 16.36 -6.37
CA ILE B 232 6.36 16.01 -4.99
C ILE B 232 6.54 17.19 -4.01
N TYR B 233 5.93 17.07 -2.84
CA TYR B 233 6.14 18.08 -1.79
C TYR B 233 7.64 18.23 -1.53
N HIS B 234 8.05 19.46 -1.29
CA HIS B 234 9.42 19.72 -0.82
C HIS B 234 9.68 19.03 0.48
N VAL B 235 10.95 18.66 0.71
CA VAL B 235 11.32 17.90 1.89
C VAL B 235 12.42 18.67 2.62
N TYR B 236 12.28 18.85 3.94
CA TYR B 236 13.26 19.58 4.75
C TYR B 236 13.73 18.71 5.90
N SER B 237 14.99 18.91 6.30
CA SER B 237 15.56 18.35 7.46
C SER B 237 15.77 19.46 8.52
N PHE B 238 15.54 19.11 9.78
CA PHE B 238 15.68 20.02 10.90
C PHE B 238 16.47 19.25 11.98
N ALA B 239 17.57 19.84 12.49
CA ALA B 239 18.31 19.26 13.60
C ALA B 239 17.99 20.09 14.80
N LEU B 240 17.71 19.43 15.91
CA LEU B 240 17.14 20.10 17.11
C LEU B 240 17.77 19.55 18.38
N ARG B 241 17.82 20.38 19.40
CA ARG B 241 18.02 19.87 20.77
C ARG B 241 17.46 20.80 21.82
N SER C 1 -2.01 -6.88 -14.54
CA SER C 1 -1.76 -5.96 -13.38
C SER C 1 -2.20 -4.57 -13.76
N PRO C 2 -2.32 -3.65 -12.76
CA PRO C 2 -2.33 -2.25 -13.16
C PRO C 2 -1.11 -1.96 -14.03
N LYS C 3 -1.27 -1.12 -15.02
CA LYS C 3 -0.20 -0.91 -16.01
C LYS C 3 -0.31 0.37 -16.77
N ARG C 4 0.83 0.85 -17.26
CA ARG C 4 0.92 2.07 -18.06
CA ARG C 4 0.92 2.07 -18.06
C ARG C 4 0.07 1.97 -19.32
N ILE C 5 -0.65 3.04 -19.64
CA ILE C 5 -1.44 3.11 -20.89
C ILE C 5 -0.43 2.98 -22.04
N ALA C 6 -0.64 2.00 -22.93
CA ALA C 6 0.26 1.83 -24.08
C ALA C 6 0.07 2.95 -25.07
N SER D 1 4.65 9.13 3.05
CA SER D 1 5.78 8.95 2.11
C SER D 1 6.04 10.25 1.39
N PRO D 2 7.19 10.38 0.68
CA PRO D 2 7.20 11.39 -0.35
C PRO D 2 5.98 11.20 -1.25
N LYS D 3 5.38 12.28 -1.71
CA LYS D 3 4.16 12.16 -2.50
C LYS D 3 3.88 13.36 -3.37
N ARG D 4 3.08 13.14 -4.42
N ARG D 4 3.09 13.13 -4.43
CA ARG D 4 2.70 14.20 -5.31
CA ARG D 4 2.69 14.19 -5.34
C ARG D 4 1.92 15.28 -4.57
C ARG D 4 1.92 15.26 -4.58
N ILE D 5 2.15 16.53 -4.95
CA ILE D 5 1.44 17.67 -4.37
C ILE D 5 -0.01 17.59 -4.85
N ALA D 6 -0.95 17.73 -3.93
CA ALA D 6 -2.36 17.52 -4.23
C ALA D 6 -2.85 18.64 -5.13
#